data_1M1D
#
_entry.id   1M1D
#
_cell.length_a   67.420
_cell.length_b   67.830
_cell.length_c   74.500
_cell.angle_alpha   90.00
_cell.angle_beta   90.00
_cell.angle_gamma   90.00
#
_symmetry.space_group_name_H-M   'P 21 21 21'
#
loop_
_entity.id
_entity.type
_entity.pdbx_description
1 polymer 'TGCN5 HISTONE ACETYL TRANSFERASE'
2 polymer 'HISTONE H3'
3 water water
#
loop_
_entity_poly.entity_id
_entity_poly.type
_entity_poly.pdbx_seq_one_letter_code
_entity_poly.pdbx_strand_id
1 'polypeptide(L)'
;LLDFDILTNDGTHRNMKLLIDLKNIFSRQLPKMPKEYIVKLVFDRHHESMVILKNKQKVIGGICFRQYKPQRFAEVAFLA
VTANEQVRGYGTRLMNKFKDHMQKQNIEYLLTYADNFAIGYFKKQGFTKEHRMPQEKWKGYIKDYDGGTLMECYIHPYVD
YGR
;
A,C
2 'polypeptide(L)' ARTKQTARKSTGG(LYX)APRKQL B,D
#
# COMPACT_ATOMS: atom_id res chain seq x y z
N LEU A 1 3.46 -18.47 24.31
CA LEU A 1 4.23 -17.22 24.11
C LEU A 1 3.40 -16.21 23.32
N LEU A 2 3.04 -15.10 23.94
CA LEU A 2 2.25 -14.07 23.28
C LEU A 2 2.92 -12.69 23.31
N ASP A 3 3.27 -12.19 22.13
CA ASP A 3 3.89 -10.89 22.01
C ASP A 3 3.00 -9.97 21.18
N PHE A 4 3.45 -8.73 21.04
CA PHE A 4 2.73 -7.73 20.27
C PHE A 4 3.73 -6.95 19.44
N ASP A 5 3.28 -6.41 18.32
CA ASP A 5 4.14 -5.61 17.48
C ASP A 5 3.26 -4.69 16.69
N ILE A 6 3.80 -3.54 16.32
CA ILE A 6 3.08 -2.55 15.53
C ILE A 6 3.73 -2.55 14.16
N LEU A 7 2.99 -2.99 13.14
CA LEU A 7 3.52 -3.08 11.80
C LEU A 7 3.13 -1.93 10.88
N THR A 8 4.05 -1.59 10.00
CA THR A 8 3.86 -0.54 9.01
C THR A 8 4.24 -1.07 7.64
N ASN A 9 3.57 -0.59 6.61
CA ASN A 9 3.83 -0.96 5.23
C ASN A 9 5.15 -0.29 4.82
N ASP A 10 6.27 -0.77 5.37
CA ASP A 10 7.57 -0.15 5.07
C ASP A 10 8.40 -0.80 3.96
N GLY A 11 7.80 -1.76 3.25
CA GLY A 11 8.50 -2.41 2.16
C GLY A 11 9.47 -3.53 2.48
N THR A 12 9.60 -3.90 3.75
CA THR A 12 10.53 -4.96 4.14
C THR A 12 9.81 -6.32 4.16
N HIS A 13 10.55 -7.39 3.90
CA HIS A 13 9.97 -8.74 3.92
C HIS A 13 9.37 -9.04 5.29
N ARG A 14 10.06 -8.64 6.35
CA ARG A 14 9.59 -8.88 7.71
C ARG A 14 8.16 -8.39 7.96
N ASN A 15 7.92 -7.09 7.78
CA ASN A 15 6.59 -6.55 8.01
C ASN A 15 5.60 -7.10 7.00
N MET A 16 6.03 -7.19 5.74
CA MET A 16 5.16 -7.69 4.68
C MET A 16 4.57 -9.06 5.03
N LYS A 17 5.44 -9.98 5.46
CA LYS A 17 4.99 -11.32 5.82
C LYS A 17 3.95 -11.30 6.94
N LEU A 18 4.20 -10.49 7.97
CA LEU A 18 3.28 -10.36 9.09
C LEU A 18 1.98 -9.73 8.60
N LEU A 19 2.09 -8.67 7.82
CA LEU A 19 0.91 -8.02 7.30
C LEU A 19 0.06 -8.97 6.46
N ILE A 20 0.69 -9.72 5.56
CA ILE A 20 -0.06 -10.64 4.72
C ILE A 20 -0.81 -11.67 5.58
N ASP A 21 -0.14 -12.25 6.56
CA ASP A 21 -0.79 -13.22 7.43
C ASP A 21 -1.94 -12.58 8.21
N LEU A 22 -1.80 -11.31 8.58
CA LEU A 22 -2.89 -10.64 9.31
C LEU A 22 -4.07 -10.45 8.39
N LYS A 23 -3.79 -10.04 7.16
CA LYS A 23 -4.82 -9.82 6.15
C LYS A 23 -5.62 -11.09 5.90
N ASN A 24 -4.95 -12.23 5.89
CA ASN A 24 -5.63 -13.48 5.66
C ASN A 24 -6.58 -13.81 6.81
N ILE A 25 -6.19 -13.47 8.04
CA ILE A 25 -7.05 -13.71 9.18
C ILE A 25 -8.29 -12.81 9.10
N PHE A 26 -8.10 -11.54 8.70
CA PHE A 26 -9.24 -10.63 8.58
C PHE A 26 -10.28 -11.17 7.59
N SER A 27 -9.85 -11.54 6.39
CA SER A 27 -10.82 -12.05 5.42
C SER A 27 -11.49 -13.34 5.86
N ARG A 28 -10.76 -14.21 6.55
CA ARG A 28 -11.37 -15.44 7.04
C ARG A 28 -12.42 -15.12 8.11
N GLN A 29 -12.05 -14.26 9.07
CA GLN A 29 -12.97 -13.90 10.14
C GLN A 29 -13.99 -12.85 9.72
N LEU A 30 -13.90 -12.39 8.47
CA LEU A 30 -14.82 -11.39 7.95
C LEU A 30 -15.18 -11.72 6.48
N PRO A 31 -15.84 -12.87 6.27
CA PRO A 31 -16.25 -13.35 4.94
C PRO A 31 -16.87 -12.31 4.01
N LYS A 32 -17.78 -11.49 4.53
CA LYS A 32 -18.42 -10.46 3.70
C LYS A 32 -17.49 -9.31 3.28
N MET A 33 -16.41 -9.09 4.02
CA MET A 33 -15.48 -8.02 3.68
C MET A 33 -14.58 -8.52 2.53
N PRO A 34 -14.69 -7.91 1.34
CA PRO A 34 -13.86 -8.34 0.20
C PRO A 34 -12.38 -8.29 0.55
N LYS A 35 -11.66 -9.37 0.27
CA LYS A 35 -10.23 -9.40 0.55
C LYS A 35 -9.51 -8.24 -0.15
N GLU A 36 -9.98 -7.90 -1.35
CA GLU A 36 -9.38 -6.81 -2.10
C GLU A 36 -9.51 -5.52 -1.31
N TYR A 37 -10.63 -5.38 -0.60
CA TYR A 37 -10.90 -4.20 0.19
C TYR A 37 -10.02 -4.20 1.45
N ILE A 38 -9.87 -5.39 2.04
CA ILE A 38 -9.04 -5.52 3.23
C ILE A 38 -7.62 -5.16 2.82
N VAL A 39 -7.16 -5.73 1.71
CA VAL A 39 -5.82 -5.45 1.22
C VAL A 39 -5.62 -3.96 0.97
N LYS A 40 -6.63 -3.30 0.42
CA LYS A 40 -6.53 -1.89 0.12
C LYS A 40 -6.21 -1.05 1.36
N LEU A 41 -6.82 -1.39 2.49
CA LEU A 41 -6.59 -0.65 3.73
C LEU A 41 -5.33 -1.07 4.48
N VAL A 42 -5.17 -2.37 4.72
CA VAL A 42 -4.03 -2.92 5.45
C VAL A 42 -2.67 -2.51 4.85
N PHE A 43 -2.59 -2.44 3.52
CA PHE A 43 -1.34 -2.10 2.85
C PHE A 43 -1.23 -0.65 2.44
N ASP A 44 -2.20 0.15 2.85
CA ASP A 44 -2.20 1.58 2.56
C ASP A 44 -1.17 2.25 3.47
N ARG A 45 -0.46 3.24 2.96
CA ARG A 45 0.58 3.94 3.73
C ARG A 45 0.10 4.59 5.04
N HIS A 46 -1.18 4.90 5.13
CA HIS A 46 -1.70 5.55 6.33
C HIS A 46 -2.20 4.60 7.41
N HIS A 47 -2.23 3.32 7.11
CA HIS A 47 -2.70 2.34 8.07
C HIS A 47 -1.60 1.55 8.73
N GLU A 48 -1.75 1.32 10.03
CA GLU A 48 -0.78 0.55 10.79
C GLU A 48 -1.52 -0.63 11.37
N SER A 49 -0.79 -1.68 11.73
CA SER A 49 -1.43 -2.84 12.31
C SER A 49 -0.67 -3.35 13.51
N MET A 50 -1.40 -3.61 14.59
CA MET A 50 -0.80 -4.18 15.80
C MET A 50 -1.26 -5.64 15.77
N VAL A 51 -0.34 -6.57 15.91
CA VAL A 51 -0.69 -7.98 15.89
C VAL A 51 -0.32 -8.74 17.16
N ILE A 52 -1.06 -9.82 17.42
CA ILE A 52 -0.78 -10.68 18.56
C ILE A 52 0.06 -11.79 17.90
N LEU A 53 1.21 -12.10 18.47
CA LEU A 53 2.05 -13.13 17.90
C LEU A 53 2.33 -14.27 18.88
N LYS A 54 2.42 -15.48 18.35
CA LYS A 54 2.76 -16.67 19.14
C LYS A 54 4.10 -17.13 18.61
N ASN A 55 5.04 -17.38 19.52
CA ASN A 55 6.38 -17.80 19.11
C ASN A 55 6.98 -16.76 18.18
N LYS A 56 6.60 -15.51 18.43
CA LYS A 56 7.08 -14.35 17.69
C LYS A 56 6.99 -14.30 16.18
N GLN A 57 6.04 -15.01 15.58
CA GLN A 57 5.88 -14.96 14.13
C GLN A 57 4.55 -15.50 13.63
N LYS A 58 3.86 -16.24 14.49
CA LYS A 58 2.56 -16.78 14.13
C LYS A 58 1.48 -15.75 14.53
N VAL A 59 0.81 -15.18 13.54
CA VAL A 59 -0.24 -14.18 13.78
C VAL A 59 -1.58 -14.83 14.13
N ILE A 60 -2.09 -14.54 15.32
CA ILE A 60 -3.37 -15.11 15.71
C ILE A 60 -4.44 -14.04 15.81
N GLY A 61 -4.04 -12.78 15.65
CA GLY A 61 -5.01 -11.72 15.70
C GLY A 61 -4.37 -10.38 15.53
N GLY A 62 -5.18 -9.36 15.29
CA GLY A 62 -4.63 -8.05 15.12
C GLY A 62 -5.67 -6.97 14.97
N ILE A 63 -5.19 -5.74 14.88
CA ILE A 63 -6.06 -4.60 14.73
C ILE A 63 -5.42 -3.65 13.72
N CYS A 64 -6.17 -3.33 12.67
CA CYS A 64 -5.67 -2.41 11.65
C CYS A 64 -6.35 -1.06 11.89
N PHE A 65 -5.56 0.01 11.94
CA PHE A 65 -6.12 1.32 12.21
C PHE A 65 -5.43 2.45 11.49
N ARG A 66 -6.08 3.60 11.48
CA ARG A 66 -5.54 4.81 10.88
C ARG A 66 -5.63 5.92 11.91
N GLN A 67 -4.47 6.45 12.28
CA GLN A 67 -4.37 7.54 13.24
C GLN A 67 -4.62 8.89 12.58
N TYR A 68 -5.52 9.68 13.14
CA TYR A 68 -5.78 11.03 12.64
C TYR A 68 -5.25 11.96 13.74
N LYS A 69 -3.96 12.23 13.69
CA LYS A 69 -3.29 13.04 14.70
C LYS A 69 -3.83 14.42 15.00
N PRO A 70 -4.14 15.23 13.97
CA PRO A 70 -4.67 16.55 14.29
C PRO A 70 -5.95 16.48 15.12
N GLN A 71 -6.85 15.55 14.79
CA GLN A 71 -8.09 15.40 15.53
C GLN A 71 -7.98 14.56 16.80
N ARG A 72 -6.81 13.96 17.02
CA ARG A 72 -6.56 13.14 18.21
C ARG A 72 -7.47 11.89 18.28
N PHE A 73 -7.69 11.23 17.16
CA PHE A 73 -8.50 10.04 17.18
C PHE A 73 -7.99 8.97 16.22
N ALA A 74 -8.31 7.72 16.51
CA ALA A 74 -7.89 6.63 15.65
C ALA A 74 -9.08 5.80 15.16
N GLU A 75 -9.14 5.63 13.85
CA GLU A 75 -10.19 4.84 13.22
C GLU A 75 -9.72 3.39 13.20
N VAL A 76 -10.54 2.48 13.73
CA VAL A 76 -10.19 1.05 13.73
C VAL A 76 -10.88 0.44 12.53
N ALA A 77 -10.07 0.15 11.50
CA ALA A 77 -10.58 -0.42 10.26
C ALA A 77 -10.99 -1.89 10.32
N PHE A 78 -10.17 -2.70 10.99
CA PHE A 78 -10.44 -4.14 11.13
C PHE A 78 -9.89 -4.66 12.45
N LEU A 79 -10.59 -5.63 13.04
CA LEU A 79 -10.16 -6.25 14.29
C LEU A 79 -10.55 -7.71 14.28
N ALA A 80 -9.62 -8.61 14.60
CA ALA A 80 -9.95 -10.03 14.62
C ALA A 80 -8.92 -10.92 15.26
N VAL A 81 -9.39 -12.04 15.79
CA VAL A 81 -8.53 -13.06 16.41
C VAL A 81 -8.92 -14.32 15.65
N THR A 82 -7.93 -15.14 15.28
CA THR A 82 -8.27 -16.35 14.53
C THR A 82 -9.20 -17.26 15.32
N ALA A 83 -10.22 -17.78 14.63
CA ALA A 83 -11.23 -18.66 15.21
C ALA A 83 -10.78 -19.56 16.35
N ASN A 84 -9.78 -20.39 16.10
CA ASN A 84 -9.26 -21.33 17.10
C ASN A 84 -8.62 -20.70 18.34
N GLU A 85 -8.45 -19.38 18.34
CA GLU A 85 -7.82 -18.74 19.48
C GLU A 85 -8.75 -17.72 20.13
N GLN A 86 -9.97 -17.64 19.64
CA GLN A 86 -10.98 -16.73 20.15
C GLN A 86 -11.49 -17.12 21.53
N VAL A 87 -12.12 -16.15 22.20
CA VAL A 87 -12.71 -16.36 23.53
C VAL A 87 -11.71 -16.85 24.58
N ARG A 88 -10.48 -16.35 24.51
CA ARG A 88 -9.43 -16.71 25.46
C ARG A 88 -8.86 -15.45 26.12
N GLY A 89 -9.44 -14.30 25.78
CA GLY A 89 -8.99 -13.04 26.33
C GLY A 89 -7.93 -12.33 25.51
N TYR A 90 -7.65 -12.85 24.32
CA TYR A 90 -6.64 -12.24 23.45
C TYR A 90 -7.13 -10.92 22.85
N GLY A 91 -8.41 -10.87 22.50
CA GLY A 91 -8.98 -9.67 21.92
C GLY A 91 -8.96 -8.54 22.93
N THR A 92 -9.18 -8.88 24.19
CA THR A 92 -9.18 -7.89 25.25
C THR A 92 -7.76 -7.43 25.49
N ARG A 93 -6.82 -8.36 25.48
CA ARG A 93 -5.44 -8.00 25.68
C ARG A 93 -4.96 -7.12 24.53
N LEU A 94 -5.37 -7.44 23.31
CA LEU A 94 -4.97 -6.64 22.14
C LEU A 94 -5.47 -5.21 22.26
N MET A 95 -6.75 -5.06 22.61
CA MET A 95 -7.35 -3.74 22.76
C MET A 95 -6.66 -2.91 23.85
N ASN A 96 -6.34 -3.55 24.98
CA ASN A 96 -5.67 -2.83 26.07
C ASN A 96 -4.26 -2.41 25.64
N LYS A 97 -3.62 -3.23 24.82
CA LYS A 97 -2.30 -2.92 24.33
C LYS A 97 -2.42 -1.79 23.31
N PHE A 98 -3.51 -1.79 22.55
CA PHE A 98 -3.76 -0.74 21.56
C PHE A 98 -4.05 0.59 22.26
N LYS A 99 -4.85 0.54 23.32
CA LYS A 99 -5.19 1.74 24.07
C LYS A 99 -3.94 2.36 24.67
N ASP A 100 -3.06 1.51 25.18
CA ASP A 100 -1.82 1.97 25.79
C ASP A 100 -1.02 2.77 24.78
N HIS A 101 -0.89 2.22 23.58
CA HIS A 101 -0.13 2.88 22.54
C HIS A 101 -0.79 4.18 22.07
N MET A 102 -2.12 4.17 21.93
CA MET A 102 -2.82 5.36 21.50
C MET A 102 -2.59 6.46 22.53
N GLN A 103 -2.68 6.08 23.79
CA GLN A 103 -2.48 7.00 24.90
C GLN A 103 -1.10 7.65 24.76
N LYS A 104 -0.10 6.86 24.38
CA LYS A 104 1.25 7.39 24.23
C LYS A 104 1.43 8.18 22.94
N GLN A 105 0.48 8.03 22.02
CA GLN A 105 0.55 8.76 20.76
C GLN A 105 -0.29 10.02 20.83
N ASN A 106 -0.87 10.28 22.00
CA ASN A 106 -1.73 11.43 22.25
C ASN A 106 -3.10 11.31 21.59
N ILE A 107 -3.54 10.09 21.36
CA ILE A 107 -4.85 9.85 20.77
C ILE A 107 -5.87 9.79 21.91
N GLU A 108 -6.97 10.54 21.78
CA GLU A 108 -7.98 10.59 22.83
C GLU A 108 -9.20 9.72 22.55
N TYR A 109 -9.47 9.48 21.26
CA TYR A 109 -10.64 8.70 20.88
C TYR A 109 -10.37 7.58 19.89
N LEU A 110 -11.23 6.57 19.95
CA LEU A 110 -11.17 5.44 19.04
C LEU A 110 -12.56 5.35 18.42
N LEU A 111 -12.61 5.31 17.10
CA LEU A 111 -13.87 5.21 16.39
C LEU A 111 -13.84 3.96 15.56
N THR A 112 -15.02 3.38 15.32
CA THR A 112 -15.09 2.17 14.55
C THR A 112 -16.52 1.81 14.22
N TYR A 113 -16.71 1.24 13.04
CA TYR A 113 -18.01 0.75 12.62
C TYR A 113 -17.96 -0.70 13.03
N ALA A 114 -18.36 -0.94 14.29
CA ALA A 114 -18.36 -2.26 14.87
C ALA A 114 -19.32 -3.19 14.17
N ASP A 115 -18.89 -4.42 14.00
CA ASP A 115 -19.70 -5.44 13.35
C ASP A 115 -20.91 -5.72 14.23
N ASN A 116 -22.10 -5.66 13.64
CA ASN A 116 -23.32 -5.92 14.40
C ASN A 116 -23.22 -7.20 15.24
N PHE A 117 -22.40 -8.13 14.77
CA PHE A 117 -22.21 -9.39 15.47
C PHE A 117 -21.16 -9.33 16.57
N ALA A 118 -20.52 -8.17 16.74
CA ALA A 118 -19.47 -8.04 17.76
C ALA A 118 -19.64 -6.82 18.67
N ILE A 119 -20.77 -6.14 18.54
CA ILE A 119 -21.06 -4.97 19.34
C ILE A 119 -20.90 -5.29 20.83
N GLY A 120 -21.27 -6.50 21.21
CA GLY A 120 -21.15 -6.91 22.59
C GLY A 120 -19.70 -6.88 23.04
N TYR A 121 -18.78 -7.23 22.14
CA TYR A 121 -17.35 -7.22 22.49
C TYR A 121 -16.87 -5.79 22.68
N PHE A 122 -17.29 -4.89 21.80
CA PHE A 122 -16.87 -3.50 21.90
C PHE A 122 -17.39 -2.83 23.16
N LYS A 123 -18.64 -3.11 23.51
CA LYS A 123 -19.22 -2.52 24.72
C LYS A 123 -18.38 -2.93 25.93
N LYS A 124 -17.92 -4.18 25.94
CA LYS A 124 -17.08 -4.67 27.03
C LYS A 124 -15.71 -3.99 27.03
N GLN A 125 -15.36 -3.32 25.93
CA GLN A 125 -14.07 -2.64 25.84
C GLN A 125 -14.22 -1.14 26.07
N GLY A 126 -15.40 -0.71 26.50
CA GLY A 126 -15.60 0.71 26.77
C GLY A 126 -16.12 1.56 25.63
N PHE A 127 -16.51 0.93 24.52
CA PHE A 127 -17.04 1.68 23.39
C PHE A 127 -18.53 1.91 23.62
N THR A 128 -19.05 2.99 23.05
CA THR A 128 -20.46 3.36 23.20
C THR A 128 -21.01 3.76 21.84
N LYS A 129 -22.33 3.69 21.69
CA LYS A 129 -22.96 4.08 20.43
C LYS A 129 -23.16 5.58 20.40
N GLU A 130 -23.03 6.21 21.55
CA GLU A 130 -23.21 7.65 21.70
C GLU A 130 -22.00 8.47 21.21
N HIS A 131 -22.27 9.49 20.40
CA HIS A 131 -21.22 10.36 19.89
C HIS A 131 -20.94 11.42 20.94
N ARG A 132 -19.68 11.56 21.32
CA ARG A 132 -19.33 12.55 22.32
C ARG A 132 -18.26 13.50 21.82
N MET A 133 -17.35 13.00 20.99
CA MET A 133 -16.32 13.87 20.46
C MET A 133 -16.95 14.69 19.34
N PRO A 134 -16.48 15.94 19.15
CA PRO A 134 -17.06 16.77 18.08
C PRO A 134 -17.10 15.95 16.81
N GLN A 135 -18.27 15.90 16.18
CA GLN A 135 -18.44 15.10 14.99
C GLN A 135 -17.77 15.62 13.72
N GLU A 136 -17.53 16.93 13.65
CA GLU A 136 -16.87 17.46 12.47
C GLU A 136 -15.46 16.88 12.37
N LYS A 137 -14.96 16.39 13.50
CA LYS A 137 -13.64 15.79 13.55
C LYS A 137 -13.50 14.53 12.69
N TRP A 138 -14.53 13.69 12.71
CA TRP A 138 -14.49 12.44 11.96
C TRP A 138 -15.36 12.37 10.71
N LYS A 139 -16.43 13.16 10.69
CA LYS A 139 -17.36 13.16 9.57
C LYS A 139 -16.62 13.45 8.27
N GLY A 140 -16.74 12.55 7.32
CA GLY A 140 -16.08 12.74 6.03
C GLY A 140 -14.67 12.18 6.03
N TYR A 141 -14.23 11.64 7.16
CA TYR A 141 -12.89 11.08 7.26
C TYR A 141 -12.88 9.57 7.39
N ILE A 142 -13.74 9.02 8.25
CA ILE A 142 -13.80 7.59 8.47
C ILE A 142 -14.67 6.84 7.45
N LYS A 143 -14.25 5.64 7.09
CA LYS A 143 -15.01 4.82 6.15
C LYS A 143 -16.23 4.24 6.85
N ASP A 144 -17.35 4.16 6.13
CA ASP A 144 -18.58 3.59 6.67
C ASP A 144 -18.74 2.14 6.23
N TYR A 145 -18.79 1.21 7.19
CA TYR A 145 -18.95 -0.19 6.89
C TYR A 145 -20.44 -0.52 6.91
N ASP A 146 -20.90 -1.14 5.84
CA ASP A 146 -22.31 -1.50 5.69
C ASP A 146 -22.93 -2.14 6.91
N GLY A 147 -22.52 -3.37 7.22
CA GLY A 147 -23.10 -4.07 8.36
C GLY A 147 -22.50 -3.72 9.71
N GLY A 148 -22.05 -2.48 9.87
CA GLY A 148 -21.46 -2.07 11.13
C GLY A 148 -22.16 -0.90 11.77
N THR A 149 -21.96 -0.73 13.08
CA THR A 149 -22.57 0.36 13.81
C THR A 149 -21.46 1.24 14.38
N LEU A 150 -21.54 2.54 14.13
CA LEU A 150 -20.54 3.45 14.62
C LEU A 150 -20.47 3.41 16.15
N MET A 151 -19.27 3.17 16.68
CA MET A 151 -19.07 3.11 18.12
C MET A 151 -17.79 3.87 18.46
N GLU A 152 -17.71 4.45 19.65
CA GLU A 152 -16.52 5.19 20.01
C GLU A 152 -16.07 4.93 21.43
N CYS A 153 -14.77 5.10 21.67
CA CYS A 153 -14.23 4.86 22.99
C CYS A 153 -13.26 5.97 23.38
N TYR A 154 -13.46 6.52 24.57
CA TYR A 154 -12.60 7.58 25.08
C TYR A 154 -11.38 6.98 25.75
N ILE A 155 -10.20 7.49 25.40
CA ILE A 155 -8.95 7.01 25.96
C ILE A 155 -8.65 7.80 27.23
N HIS A 156 -8.66 7.13 28.38
CA HIS A 156 -8.35 7.84 29.62
C HIS A 156 -6.86 8.20 29.55
N PRO A 157 -6.56 9.50 29.64
CA PRO A 157 -5.22 10.09 29.57
C PRO A 157 -4.07 9.56 30.43
N TYR A 158 -4.30 9.33 31.71
CA TYR A 158 -3.21 8.89 32.57
C TYR A 158 -3.35 7.54 33.26
N VAL A 159 -4.31 6.73 32.83
CA VAL A 159 -4.48 5.43 33.46
C VAL A 159 -3.47 4.45 32.83
N ASP A 160 -3.17 3.38 33.56
CA ASP A 160 -2.24 2.36 33.06
C ASP A 160 -3.05 1.23 32.42
N TYR A 161 -3.09 1.21 31.10
CA TYR A 161 -3.83 0.17 30.37
C TYR A 161 -3.09 -1.17 30.33
N GLY A 162 -1.79 -1.15 30.57
CA GLY A 162 -1.02 -2.37 30.55
C GLY A 162 0.29 -2.22 31.30
N ARG A 163 1.33 -1.77 30.60
CA ARG A 163 2.63 -1.57 31.23
C ARG A 163 2.73 -0.12 31.73
N GLY B 12 -17.40 -2.31 2.00
CA GLY B 12 -17.27 -3.24 3.15
C GLY B 12 -18.62 -3.78 3.62
N GLY B 13 -18.65 -5.01 4.09
CA GLY B 13 -19.88 -5.62 4.56
C GLY B 13 -19.40 -6.24 5.82
N ALA B 15 -19.88 -8.05 8.33
CA ALA B 15 -20.59 -9.09 8.67
C ALA B 15 -20.41 -10.06 9.78
N PRO B 16 -19.26 -10.66 9.76
CA PRO B 16 -18.58 -11.67 10.53
C PRO B 16 -18.79 -12.83 11.54
N ARG B 17 -17.72 -13.50 11.23
CA ARG B 17 -17.04 -14.68 11.58
C ARG B 17 -17.85 -15.69 10.81
N LEU C 2 13.99 -15.77 -18.91
CA LEU C 2 13.85 -14.30 -19.14
C LEU C 2 12.38 -13.97 -19.44
N ASP C 3 11.65 -13.55 -18.41
CA ASP C 3 10.24 -13.22 -18.54
C ASP C 3 9.88 -11.80 -18.13
N PHE C 4 8.62 -11.46 -18.36
CA PHE C 4 8.08 -10.15 -18.02
C PHE C 4 6.72 -10.43 -17.42
N ASP C 5 6.46 -9.83 -16.27
CA ASP C 5 5.20 -10.05 -15.57
C ASP C 5 4.75 -8.71 -15.00
N ILE C 6 3.45 -8.54 -14.86
CA ILE C 6 2.91 -7.32 -14.32
C ILE C 6 2.45 -7.63 -12.91
N LEU C 7 3.01 -6.91 -11.94
CA LEU C 7 2.68 -7.13 -10.54
C LEU C 7 1.88 -5.96 -9.99
N THR C 8 0.91 -6.27 -9.15
CA THR C 8 0.08 -5.26 -8.50
C THR C 8 0.14 -5.51 -7.01
N ASN C 9 -0.02 -4.45 -6.23
CA ASN C 9 0.01 -4.58 -4.78
C ASN C 9 -1.27 -5.29 -4.37
N ASP C 10 -1.38 -6.58 -4.67
CA ASP C 10 -2.58 -7.31 -4.32
C ASP C 10 -2.53 -8.08 -3.00
N GLY C 11 -1.55 -7.76 -2.17
CA GLY C 11 -1.40 -8.40 -0.88
C GLY C 11 -1.06 -9.89 -0.89
N THR C 12 -0.68 -10.42 -2.05
CA THR C 12 -0.33 -11.84 -2.10
C THR C 12 1.13 -12.12 -1.83
N HIS C 13 1.39 -13.31 -1.30
CA HIS C 13 2.72 -13.79 -0.98
C HIS C 13 3.71 -13.57 -2.13
N ARG C 14 3.45 -14.17 -3.28
CA ARG C 14 4.36 -14.03 -4.42
C ARG C 14 4.54 -12.58 -4.90
N ASN C 15 3.43 -11.89 -5.19
CA ASN C 15 3.52 -10.52 -5.68
C ASN C 15 4.28 -9.54 -4.80
N MET C 16 3.88 -9.47 -3.53
CA MET C 16 4.52 -8.56 -2.61
C MET C 16 6.01 -8.86 -2.48
N LYS C 17 6.37 -10.14 -2.48
CA LYS C 17 7.78 -10.52 -2.36
C LYS C 17 8.60 -9.98 -3.53
N LEU C 18 8.12 -10.20 -4.74
CA LEU C 18 8.81 -9.71 -5.93
C LEU C 18 8.86 -8.18 -5.94
N LEU C 19 7.79 -7.54 -5.47
CA LEU C 19 7.78 -6.08 -5.45
C LEU C 19 8.90 -5.58 -4.55
N ILE C 20 9.09 -6.23 -3.41
CA ILE C 20 10.13 -5.82 -2.47
C ILE C 20 11.48 -5.98 -3.14
N ASP C 21 11.67 -7.12 -3.81
CA ASP C 21 12.91 -7.39 -4.53
C ASP C 21 13.15 -6.28 -5.54
N LEU C 22 12.10 -5.90 -6.28
CA LEU C 22 12.20 -4.86 -7.29
C LEU C 22 12.54 -3.54 -6.62
N LYS C 23 11.85 -3.27 -5.51
CA LYS C 23 12.05 -2.04 -4.75
C LYS C 23 13.50 -1.94 -4.28
N ASN C 24 14.11 -3.07 -3.93
CA ASN C 24 15.50 -3.06 -3.50
C ASN C 24 16.45 -2.73 -4.64
N ILE C 25 16.12 -3.19 -5.84
CA ILE C 25 16.95 -2.89 -7.00
C ILE C 25 16.82 -1.40 -7.30
N PHE C 26 15.58 -0.89 -7.29
CA PHE C 26 15.36 0.53 -7.54
C PHE C 26 16.22 1.35 -6.60
N SER C 27 16.13 1.06 -5.31
CA SER C 27 16.89 1.80 -4.31
C SER C 27 18.39 1.83 -4.62
N ARG C 28 18.96 0.68 -4.97
CA ARG C 28 20.37 0.61 -5.29
C ARG C 28 20.72 1.42 -6.54
N GLN C 29 19.89 1.31 -7.57
CA GLN C 29 20.17 2.03 -8.81
C GLN C 29 19.85 3.52 -8.76
N LEU C 30 19.01 3.93 -7.83
CA LEU C 30 18.65 5.35 -7.72
C LEU C 30 19.06 5.82 -6.32
N PRO C 31 20.37 6.01 -6.11
CA PRO C 31 20.97 6.44 -4.85
C PRO C 31 20.44 7.77 -4.31
N LYS C 32 20.03 8.66 -5.22
CA LYS C 32 19.52 9.95 -4.78
C LYS C 32 18.06 9.90 -4.35
N MET C 33 17.36 8.85 -4.76
CA MET C 33 15.95 8.68 -4.41
C MET C 33 15.86 7.98 -3.06
N PRO C 34 15.28 8.65 -2.05
CA PRO C 34 15.14 8.04 -0.71
C PRO C 34 14.31 6.76 -0.77
N LYS C 35 14.85 5.69 -0.20
CA LYS C 35 14.17 4.40 -0.20
C LYS C 35 12.74 4.49 0.33
N GLU C 36 12.52 5.42 1.25
CA GLU C 36 11.20 5.64 1.85
C GLU C 36 10.21 6.10 0.78
N TYR C 37 10.67 6.98 -0.10
CA TYR C 37 9.83 7.49 -1.17
C TYR C 37 9.56 6.38 -2.19
N ILE C 38 10.61 5.62 -2.51
CA ILE C 38 10.46 4.50 -3.46
C ILE C 38 9.40 3.54 -2.96
N VAL C 39 9.44 3.23 -1.67
CA VAL C 39 8.45 2.33 -1.07
C VAL C 39 7.04 2.90 -1.20
N LYS C 40 6.91 4.21 -1.02
CA LYS C 40 5.61 4.87 -1.12
C LYS C 40 4.92 4.68 -2.47
N LEU C 41 5.65 4.90 -3.56
CA LEU C 41 5.08 4.75 -4.90
C LEU C 41 4.90 3.29 -5.30
N VAL C 42 5.96 2.50 -5.18
CA VAL C 42 5.89 1.09 -5.55
C VAL C 42 4.78 0.33 -4.86
N PHE C 43 4.55 0.61 -3.58
CA PHE C 43 3.50 -0.08 -2.84
C PHE C 43 2.16 0.64 -2.82
N ASP C 44 2.08 1.73 -3.57
CA ASP C 44 0.85 2.50 -3.70
C ASP C 44 -0.14 1.72 -4.57
N ARG C 45 -1.38 1.66 -4.14
CA ARG C 45 -2.40 0.91 -4.87
C ARG C 45 -2.61 1.32 -6.33
N HIS C 46 -2.29 2.57 -6.67
CA HIS C 46 -2.44 3.04 -8.04
C HIS C 46 -1.27 2.70 -8.96
N HIS C 47 -0.14 2.28 -8.38
CA HIS C 47 1.02 1.95 -9.20
C HIS C 47 1.18 0.48 -9.50
N GLU C 48 1.71 0.18 -10.68
CA GLU C 48 1.95 -1.18 -11.11
C GLU C 48 3.42 -1.31 -11.51
N SER C 49 3.91 -2.53 -11.56
CA SER C 49 5.29 -2.74 -11.92
C SER C 49 5.46 -3.94 -12.84
N MET C 50 6.17 -3.73 -13.93
CA MET C 50 6.44 -4.81 -14.87
C MET C 50 7.84 -5.27 -14.51
N VAL C 51 7.98 -6.55 -14.15
CA VAL C 51 9.29 -7.05 -13.79
C VAL C 51 9.95 -7.95 -14.82
N ILE C 52 11.28 -7.91 -14.83
CA ILE C 52 12.06 -8.76 -15.72
C ILE C 52 12.41 -9.93 -14.80
N LEU C 53 11.89 -11.12 -15.10
CA LEU C 53 12.15 -12.28 -14.27
C LEU C 53 13.04 -13.34 -14.89
N LYS C 54 13.99 -13.86 -14.10
CA LYS C 54 14.89 -14.91 -14.56
C LYS C 54 14.38 -16.22 -13.98
N ASN C 55 14.33 -17.25 -14.80
CA ASN C 55 13.84 -18.56 -14.37
C ASN C 55 12.52 -18.41 -13.63
N LYS C 56 11.73 -17.46 -14.12
CA LYS C 56 10.40 -17.15 -13.61
C LYS C 56 10.33 -16.95 -12.10
N GLN C 57 11.41 -16.47 -11.49
CA GLN C 57 11.41 -16.27 -10.05
C GLN C 57 12.35 -15.19 -9.52
N LYS C 58 13.36 -14.83 -10.30
CA LYS C 58 14.31 -13.82 -9.86
C LYS C 58 14.15 -12.47 -10.56
N VAL C 59 13.83 -11.45 -9.79
CA VAL C 59 13.68 -10.11 -10.34
C VAL C 59 15.05 -9.53 -10.68
N ILE C 60 15.27 -9.25 -11.96
CA ILE C 60 16.54 -8.66 -12.37
C ILE C 60 16.29 -7.26 -12.92
N GLY C 61 15.06 -6.77 -12.78
CA GLY C 61 14.75 -5.45 -13.27
C GLY C 61 13.26 -5.17 -13.36
N GLY C 62 12.91 -3.92 -13.60
CA GLY C 62 11.51 -3.56 -13.69
C GLY C 62 11.25 -2.10 -13.94
N ILE C 63 9.98 -1.77 -14.09
CA ILE C 63 9.57 -0.41 -14.33
C ILE C 63 8.27 -0.18 -13.57
N CYS C 64 8.29 0.78 -12.66
CA CYS C 64 7.10 1.12 -11.86
C CYS C 64 6.42 2.29 -12.52
N PHE C 65 5.10 2.17 -12.72
CA PHE C 65 4.31 3.20 -13.39
C PHE C 65 2.87 3.33 -12.88
N ARG C 66 2.25 4.44 -13.25
CA ARG C 66 0.86 4.68 -12.90
C ARG C 66 0.08 5.07 -14.14
N GLN C 67 -0.96 4.32 -14.40
CA GLN C 67 -1.84 4.50 -15.55
C GLN C 67 -2.99 5.45 -15.29
N TYR C 68 -3.25 6.34 -16.25
CA TYR C 68 -4.36 7.28 -16.18
C TYR C 68 -5.12 7.05 -17.49
N LYS C 69 -5.88 5.95 -17.50
CA LYS C 69 -6.64 5.53 -18.67
C LYS C 69 -7.53 6.57 -19.33
N PRO C 70 -8.36 7.28 -18.56
CA PRO C 70 -9.25 8.30 -19.14
C PRO C 70 -8.44 9.32 -19.94
N GLN C 71 -7.31 9.73 -19.37
CA GLN C 71 -6.43 10.70 -20.00
C GLN C 71 -5.54 10.04 -21.05
N ARG C 72 -5.50 8.72 -21.06
CA ARG C 72 -4.70 7.96 -22.02
C ARG C 72 -3.18 8.12 -21.92
N PHE C 73 -2.68 8.30 -20.70
CA PHE C 73 -1.25 8.43 -20.48
C PHE C 73 -0.88 7.71 -19.19
N ALA C 74 0.40 7.42 -19.05
CA ALA C 74 0.86 6.72 -17.86
C ALA C 74 2.15 7.38 -17.41
N GLU C 75 2.36 7.47 -16.11
CA GLU C 75 3.58 8.06 -15.61
C GLU C 75 4.56 6.97 -15.21
N VAL C 76 5.79 7.09 -15.68
CA VAL C 76 6.85 6.15 -15.36
C VAL C 76 7.54 6.69 -14.11
N ALA C 77 7.35 5.99 -13.01
CA ALA C 77 7.92 6.38 -11.73
C ALA C 77 9.38 5.98 -11.57
N PHE C 78 9.68 4.70 -11.83
CA PHE C 78 11.05 4.19 -11.72
C PHE C 78 11.35 3.18 -12.81
N LEU C 79 12.63 3.09 -13.15
CA LEU C 79 13.10 2.17 -14.17
C LEU C 79 14.51 1.75 -13.78
N ALA C 80 14.78 0.46 -13.82
CA ALA C 80 16.11 0.00 -13.48
C ALA C 80 16.33 -1.47 -13.78
N VAL C 81 17.60 -1.80 -14.01
CA VAL C 81 18.04 -3.16 -14.27
C VAL C 81 19.16 -3.39 -13.26
N THR C 82 19.16 -4.54 -12.61
CA THR C 82 20.20 -4.78 -11.62
C THR C 82 21.59 -4.69 -12.25
N ALA C 83 22.53 -4.15 -11.49
CA ALA C 83 23.92 -3.95 -11.94
C ALA C 83 24.56 -5.09 -12.74
N ASN C 84 24.53 -6.30 -12.20
CA ASN C 84 25.14 -7.44 -12.89
C ASN C 84 24.38 -7.92 -14.12
N GLU C 85 23.42 -7.14 -14.58
CA GLU C 85 22.64 -7.55 -15.74
C GLU C 85 22.47 -6.40 -16.73
N GLN C 86 23.13 -5.30 -16.45
CA GLN C 86 23.04 -4.14 -17.31
C GLN C 86 23.83 -4.27 -18.59
N VAL C 87 23.48 -3.45 -19.57
CA VAL C 87 24.13 -3.44 -20.87
C VAL C 87 24.09 -4.77 -21.60
N ARG C 88 22.91 -5.38 -21.62
CA ARG C 88 22.71 -6.66 -22.28
C ARG C 88 21.40 -6.63 -23.04
N GLY C 89 20.79 -5.45 -23.12
CA GLY C 89 19.54 -5.30 -23.84
C GLY C 89 18.26 -5.53 -23.05
N TYR C 90 18.38 -5.84 -21.77
CA TYR C 90 17.23 -6.10 -20.94
C TYR C 90 16.38 -4.84 -20.75
N GLY C 91 17.01 -3.75 -20.36
CA GLY C 91 16.29 -2.51 -20.17
C GLY C 91 15.44 -2.17 -21.39
N THR C 92 16.05 -2.26 -22.57
CA THR C 92 15.35 -1.95 -23.82
C THR C 92 14.23 -2.94 -24.12
N ARG C 93 14.46 -4.21 -23.80
CA ARG C 93 13.45 -5.22 -24.04
C ARG C 93 12.31 -4.96 -23.05
N LEU C 94 12.65 -4.54 -21.84
CA LEU C 94 11.65 -4.23 -20.83
C LEU C 94 10.79 -3.05 -21.31
N MET C 95 11.45 -2.01 -21.80
CA MET C 95 10.73 -0.83 -22.28
C MET C 95 9.81 -1.18 -23.46
N ASN C 96 10.29 -2.03 -24.35
CA ASN C 96 9.49 -2.43 -25.51
C ASN C 96 8.29 -3.26 -25.09
N LYS C 97 8.48 -4.12 -24.10
CA LYS C 97 7.40 -4.95 -23.59
C LYS C 97 6.37 -4.03 -22.91
N PHE C 98 6.86 -3.04 -22.18
CA PHE C 98 6.00 -2.08 -21.49
C PHE C 98 5.16 -1.27 -22.48
N LYS C 99 5.77 -0.88 -23.61
CA LYS C 99 5.04 -0.14 -24.64
C LYS C 99 3.91 -0.99 -25.22
N ASP C 100 4.19 -2.28 -25.39
CA ASP C 100 3.21 -3.22 -25.93
C ASP C 100 2.02 -3.26 -24.98
N HIS C 101 2.30 -3.39 -23.69
CA HIS C 101 1.23 -3.43 -22.71
C HIS C 101 0.46 -2.13 -22.75
N MET C 102 1.18 -1.01 -22.74
CA MET C 102 0.53 0.30 -22.78
C MET C 102 -0.35 0.40 -24.01
N GLN C 103 0.10 -0.23 -25.10
CA GLN C 103 -0.66 -0.23 -26.34
C GLN C 103 -1.97 -0.97 -26.16
N LYS C 104 -1.92 -2.11 -25.47
CA LYS C 104 -3.11 -2.90 -25.22
C LYS C 104 -4.01 -2.23 -24.20
N GLN C 105 -3.46 -1.29 -23.44
CA GLN C 105 -4.21 -0.58 -22.43
C GLN C 105 -4.75 0.71 -23.04
N ASN C 106 -4.48 0.88 -24.33
CA ASN C 106 -4.93 2.06 -25.06
C ASN C 106 -4.33 3.34 -24.49
N ILE C 107 -3.07 3.24 -24.06
CA ILE C 107 -2.33 4.37 -23.51
C ILE C 107 -1.56 4.97 -24.68
N GLU C 108 -1.78 6.26 -24.96
CA GLU C 108 -1.09 6.91 -26.07
C GLU C 108 0.18 7.64 -25.68
N TYR C 109 0.30 7.98 -24.40
CA TYR C 109 1.46 8.74 -23.93
C TYR C 109 2.12 8.22 -22.67
N LEU C 110 3.44 8.37 -22.64
CA LEU C 110 4.24 8.00 -21.49
C LEU C 110 4.96 9.27 -21.05
N LEU C 111 4.84 9.61 -19.77
CA LEU C 111 5.51 10.79 -19.24
C LEU C 111 6.42 10.36 -18.10
N THR C 112 7.54 11.05 -17.94
CA THR C 112 8.46 10.71 -16.88
C THR C 112 9.38 11.90 -16.62
N TYR C 113 9.77 12.10 -15.36
CA TYR C 113 10.68 13.17 -15.00
C TYR C 113 12.07 12.59 -14.87
N ALA C 114 12.93 12.90 -15.83
CA ALA C 114 14.28 12.37 -15.82
C ALA C 114 15.32 13.38 -15.36
N ASP C 115 16.31 12.90 -14.59
CA ASP C 115 17.39 13.75 -14.13
C ASP C 115 18.40 13.75 -15.27
N ASN C 116 19.42 14.60 -15.19
CA ASN C 116 20.40 14.68 -16.26
C ASN C 116 21.16 13.38 -16.58
N PHE C 117 21.16 12.43 -15.65
CA PHE C 117 21.86 11.17 -15.90
C PHE C 117 21.04 10.22 -16.75
N ALA C 118 19.73 10.22 -16.51
CA ALA C 118 18.81 9.32 -17.22
C ALA C 118 18.26 9.82 -18.56
N ILE C 119 18.33 11.13 -18.79
CA ILE C 119 17.81 11.72 -20.02
C ILE C 119 18.21 10.99 -21.29
N GLY C 120 19.50 10.80 -21.46
CA GLY C 120 20.00 10.12 -22.66
C GLY C 120 19.39 8.75 -22.90
N TYR C 121 19.10 8.00 -21.84
CA TYR C 121 18.52 6.69 -22.03
C TYR C 121 17.10 6.84 -22.52
N PHE C 122 16.34 7.72 -21.90
CA PHE C 122 14.95 7.95 -22.32
C PHE C 122 14.91 8.47 -23.74
N LYS C 123 15.91 9.29 -24.09
CA LYS C 123 15.98 9.83 -25.45
C LYS C 123 16.08 8.67 -26.43
N LYS C 124 16.89 7.67 -26.07
CA LYS C 124 17.08 6.50 -26.93
C LYS C 124 15.85 5.61 -27.05
N GLN C 125 14.85 5.84 -26.20
CA GLN C 125 13.64 5.03 -26.25
C GLN C 125 12.49 5.78 -26.89
N GLY C 126 12.80 6.85 -27.61
CA GLY C 126 11.75 7.62 -28.27
C GLY C 126 11.19 8.79 -27.47
N PHE C 127 11.69 9.01 -26.25
CA PHE C 127 11.22 10.11 -25.42
C PHE C 127 11.80 11.44 -25.88
N THR C 128 11.00 12.48 -25.82
CA THR C 128 11.46 13.81 -26.22
C THR C 128 11.42 14.78 -25.05
N LYS C 129 12.50 15.55 -24.91
CA LYS C 129 12.62 16.53 -23.86
C LYS C 129 11.56 17.62 -24.00
N GLU C 130 10.84 17.59 -25.12
CA GLU C 130 9.80 18.57 -25.38
C GLU C 130 8.51 18.22 -24.63
N HIS C 131 7.85 19.23 -24.08
CA HIS C 131 6.58 19.02 -23.38
C HIS C 131 5.50 19.21 -24.44
N ARG C 132 5.81 18.77 -25.66
CA ARG C 132 4.92 18.90 -26.81
C ARG C 132 3.56 18.19 -26.75
N MET C 133 2.84 18.39 -25.65
CA MET C 133 1.51 17.79 -25.48
C MET C 133 1.04 17.99 -24.04
N PRO C 134 1.28 16.98 -23.19
CA PRO C 134 0.91 17.04 -21.77
C PRO C 134 -0.50 17.59 -21.53
N GLN C 135 -0.77 17.89 -20.26
CA GLN C 135 -2.08 18.42 -19.86
C GLN C 135 -2.35 19.72 -20.59
N GLU C 136 -3.56 20.25 -20.42
CA GLU C 136 -3.92 21.50 -21.08
C GLU C 136 -3.38 22.72 -20.33
N LYS C 137 -2.05 22.79 -20.28
CA LYS C 137 -1.28 23.87 -19.64
C LYS C 137 -0.40 23.54 -18.44
N TRP C 138 0.44 22.52 -18.61
CA TRP C 138 1.42 22.09 -17.61
C TRP C 138 1.03 21.36 -16.32
N LYS C 139 -0.10 21.70 -15.71
CA LYS C 139 -0.46 21.03 -14.46
C LYS C 139 -1.72 20.17 -14.49
N GLY C 140 -1.72 19.12 -13.67
CA GLY C 140 -2.85 18.22 -13.60
C GLY C 140 -2.60 16.96 -12.77
N TYR C 141 -2.04 15.94 -13.40
CA TYR C 141 -1.78 14.67 -12.73
C TYR C 141 -0.30 14.35 -12.55
N ILE C 142 0.57 15.25 -12.99
CA ILE C 142 2.01 15.01 -12.86
C ILE C 142 2.77 16.21 -12.33
N LYS C 143 3.62 15.96 -11.33
CA LYS C 143 4.43 17.01 -10.70
C LYS C 143 5.72 16.42 -10.17
N ASP C 144 6.68 17.28 -9.81
CA ASP C 144 7.95 16.80 -9.28
C ASP C 144 8.84 17.88 -8.68
N TYR C 145 8.63 18.15 -7.39
CA TYR C 145 9.38 19.13 -6.60
C TYR C 145 10.26 20.13 -7.36
N ASP C 146 9.71 20.76 -8.39
CA ASP C 146 10.45 21.75 -9.18
C ASP C 146 11.83 21.29 -9.62
N GLY C 147 11.92 20.08 -10.17
CA GLY C 147 13.21 19.56 -10.61
C GLY C 147 13.09 18.48 -11.66
N GLY C 148 14.23 18.03 -12.17
CA GLY C 148 14.23 16.99 -13.19
C GLY C 148 13.73 17.51 -14.51
N THR C 149 13.72 16.66 -15.52
CA THR C 149 13.25 17.07 -16.85
C THR C 149 12.06 16.23 -17.27
N LEU C 150 10.96 16.89 -17.60
CA LEU C 150 9.77 16.18 -18.02
C LEU C 150 9.90 15.70 -19.46
N MET C 151 9.90 14.38 -19.64
CA MET C 151 10.03 13.80 -20.97
C MET C 151 8.78 13.00 -21.33
N GLU C 152 8.38 13.03 -22.60
CA GLU C 152 7.21 12.29 -23.02
C GLU C 152 7.45 11.42 -24.24
N CYS C 153 6.62 10.39 -24.38
CA CYS C 153 6.75 9.44 -25.47
C CYS C 153 5.39 9.09 -26.03
N TYR C 154 5.27 9.13 -27.35
CA TYR C 154 4.02 8.78 -28.00
C TYR C 154 4.06 7.28 -28.30
N ILE C 155 2.95 6.60 -28.03
CA ILE C 155 2.82 5.18 -28.28
C ILE C 155 1.82 4.93 -29.42
N HIS C 156 2.33 4.50 -30.57
CA HIS C 156 1.49 4.22 -31.73
C HIS C 156 0.51 3.11 -31.36
N PRO C 157 -0.75 3.23 -31.81
CA PRO C 157 -1.79 2.24 -31.52
C PRO C 157 -1.71 0.86 -32.14
N TYR C 158 -0.88 0.67 -33.17
CA TYR C 158 -0.80 -0.64 -33.83
C TYR C 158 0.61 -1.14 -34.14
N VAL C 159 1.62 -0.27 -34.00
CA VAL C 159 2.98 -0.69 -34.29
C VAL C 159 3.32 -1.95 -33.50
N ASP C 160 4.22 -2.75 -34.05
CA ASP C 160 4.64 -4.00 -33.42
C ASP C 160 5.83 -3.72 -32.50
N TYR C 161 5.56 -3.60 -31.20
CA TYR C 161 6.62 -3.33 -30.24
C TYR C 161 7.34 -4.62 -29.85
N GLY C 162 6.84 -5.74 -30.33
CA GLY C 162 7.46 -7.02 -30.04
C GLY C 162 8.72 -7.18 -30.87
N ARG C 163 9.40 -6.06 -31.14
CA ARG C 163 10.63 -6.06 -31.93
C ARG C 163 11.47 -7.30 -31.65
#